data_9DLL
#
_entry.id   9DLL
#
loop_
_entity.id
_entity.type
_entity.pdbx_description
1 polymer "CAG 13-mer RNA (5'-R(*GP*AP*CP*AP*GP*CP*AP*GP*CP*UP*GP*UP*C)-3')"
2 non-polymer '4-carbamimidamidophenyl 4-carbamimidamidobenzoate'
#
_entity_poly.entity_id   1
_entity_poly.type   'polyribonucleotide'
_entity_poly.pdbx_seq_one_letter_code
;GACAGCAGCUGUC
;
_entity_poly.pdbx_strand_id   A,B
#